data_7E04
#
_entry.id   7E04
#
_cell.length_a   87.280
_cell.length_b   87.280
_cell.length_c   117.010
_cell.angle_alpha   90.000
_cell.angle_beta   90.000
_cell.angle_gamma   120.000
#
_symmetry.space_group_name_H-M   'P 65 2 2'
#
loop_
_entity.id
_entity.type
_entity.pdbx_description
1 polymer Lipase
2 non-polymer GLYCEROL
3 water water
#
_entity_poly.entity_id   1
_entity_poly.type   'polypeptide(L)'
_entity_poly.pdbx_seq_one_letter_code
;MSEKYPIIEGAEPFYYEGNEIGILVSHGFTGSTQSMRPLGEAYANAGYTVCGPRLRGHGTHYEEMETTTYQDWIHSVEEG
YQWLKERCSTIFVTGLSMGGTLTLYMAEKYPEIKGIIPINAAIEISYMEAAASLEDVRFLDAIGSDIKNPDIKELAYEKT
PVKSIGEITELMKKVKGDLEKVNCPALIFVSKEDHVVPPSNSQEIYSSIKSAAKELVTLDNSYHVATLDNDQDIIIERTL
HFLQRVLETSSLQG
;
_entity_poly.pdbx_strand_id   A
#
# COMPACT_ATOMS: atom_id res chain seq x y z
N GLU A 3 4.67 -5.82 -26.14
CA GLU A 3 5.80 -6.38 -25.40
C GLU A 3 7.00 -5.45 -25.45
N LYS A 4 6.74 -4.14 -25.50
CA LYS A 4 7.81 -3.18 -25.25
C LYS A 4 8.29 -3.25 -23.81
N TYR A 5 7.36 -3.49 -22.88
CA TYR A 5 7.63 -3.44 -21.45
C TYR A 5 6.96 -4.64 -20.79
N PRO A 6 7.51 -5.84 -21.00
CA PRO A 6 6.89 -7.04 -20.41
C PRO A 6 6.97 -7.02 -18.89
N ILE A 7 6.04 -7.75 -18.26
CA ILE A 7 6.02 -7.86 -16.80
C ILE A 7 7.20 -8.70 -16.33
N ILE A 8 8.04 -8.12 -15.47
CA ILE A 8 9.17 -8.84 -14.89
C ILE A 8 8.69 -10.06 -14.11
N GLU A 9 9.47 -11.14 -14.19
CA GLU A 9 9.15 -12.36 -13.46
C GLU A 9 9.04 -12.05 -11.96
N GLY A 10 7.88 -12.34 -11.38
CA GLY A 10 7.63 -12.08 -9.98
C GLY A 10 6.82 -10.83 -9.69
N ALA A 11 6.52 -10.02 -10.71
CA ALA A 11 5.77 -8.77 -10.54
C ALA A 11 4.34 -8.88 -11.05
N GLU A 12 3.87 -10.09 -11.29
CA GLU A 12 2.52 -10.29 -11.80
C GLU A 12 1.49 -9.96 -10.72
N PRO A 13 0.30 -9.51 -11.11
CA PRO A 13 -0.78 -9.38 -10.13
C PRO A 13 -1.12 -10.75 -9.57
N PHE A 14 -1.67 -10.78 -8.35
CA PHE A 14 -2.08 -12.05 -7.75
C PHE A 14 -3.55 -12.07 -7.39
N TYR A 15 -4.16 -13.23 -7.57
CA TYR A 15 -5.59 -13.43 -7.35
C TYR A 15 -5.78 -14.78 -6.68
N TYR A 16 -6.40 -14.79 -5.50
CA TYR A 16 -6.70 -16.02 -4.77
C TYR A 16 -8.19 -16.05 -4.50
N GLU A 17 -8.87 -17.08 -5.02
CA GLU A 17 -10.31 -17.26 -4.81
C GLU A 17 -10.54 -17.95 -3.48
N GLY A 18 -11.32 -17.33 -2.61
CA GLY A 18 -11.63 -17.87 -1.30
C GLY A 18 -13.08 -17.68 -0.94
N ASN A 19 -13.34 -17.21 0.27
CA ASN A 19 -14.71 -17.03 0.74
C ASN A 19 -15.24 -15.64 0.35
N GLU A 20 -16.37 -15.25 0.92
CA GLU A 20 -17.04 -14.02 0.55
C GLU A 20 -16.43 -12.77 1.17
N ILE A 21 -15.32 -12.91 1.89
CA ILE A 21 -14.60 -11.78 2.46
C ILE A 21 -13.36 -11.54 1.61
N GLY A 22 -13.21 -10.32 1.08
CA GLY A 22 -12.11 -9.99 0.20
C GLY A 22 -11.12 -9.03 0.82
N ILE A 23 -9.85 -9.22 0.47
CA ILE A 23 -8.77 -8.33 0.88
C ILE A 23 -8.08 -7.81 -0.37
N LEU A 24 -8.06 -6.49 -0.54
CA LEU A 24 -7.34 -5.82 -1.60
C LEU A 24 -5.98 -5.39 -1.07
N VAL A 25 -4.91 -5.77 -1.75
CA VAL A 25 -3.54 -5.62 -1.23
C VAL A 25 -2.72 -4.84 -2.26
N SER A 26 -2.29 -3.61 -1.93
CA SER A 26 -1.59 -2.74 -2.89
C SER A 26 -0.12 -2.57 -2.55
N HIS A 27 0.74 -2.82 -3.53
CA HIS A 27 2.15 -2.43 -3.47
C HIS A 27 2.30 -0.92 -3.63
N GLY A 28 3.54 -0.44 -3.54
CA GLY A 28 3.85 0.97 -3.56
C GLY A 28 4.64 1.43 -4.78
N PHE A 29 5.10 2.68 -4.69
CA PHE A 29 5.68 3.48 -5.78
C PHE A 29 7.07 2.95 -6.13
N THR A 30 7.25 2.60 -7.42
CA THR A 30 8.42 1.91 -7.98
C THR A 30 8.52 0.44 -7.60
N GLY A 31 7.66 -0.03 -6.69
CA GLY A 31 7.69 -1.40 -6.24
C GLY A 31 6.82 -2.31 -7.07
N SER A 32 6.49 -3.47 -6.50
CA SER A 32 5.80 -4.52 -7.24
C SER A 32 5.09 -5.44 -6.27
N THR A 33 4.32 -6.37 -6.84
CA THR A 33 3.61 -7.35 -6.02
C THR A 33 4.55 -8.27 -5.26
N GLN A 34 5.83 -8.34 -5.66
CA GLN A 34 6.77 -9.19 -4.94
C GLN A 34 6.88 -8.79 -3.47
N SER A 35 6.71 -7.51 -3.17
CA SER A 35 6.77 -7.06 -1.78
C SER A 35 5.54 -7.41 -0.98
N MET A 36 4.43 -7.74 -1.64
CA MET A 36 3.15 -7.98 -0.99
C MET A 36 2.67 -9.41 -1.03
N ARG A 37 3.24 -10.24 -1.90
CA ARG A 37 2.70 -11.59 -2.06
C ARG A 37 2.78 -12.43 -0.78
N PRO A 38 3.79 -12.31 0.08
CA PRO A 38 3.75 -13.08 1.34
C PRO A 38 2.52 -12.77 2.18
N LEU A 39 2.11 -11.50 2.23
CA LEU A 39 0.88 -11.14 2.92
C LEU A 39 -0.32 -11.76 2.22
N GLY A 40 -0.40 -11.59 0.90
CA GLY A 40 -1.54 -12.12 0.17
C GLY A 40 -1.69 -13.61 0.34
N GLU A 41 -0.58 -14.35 0.27
CA GLU A 41 -0.63 -15.80 0.46
C GLU A 41 -1.12 -16.17 1.85
N ALA A 42 -0.64 -15.46 2.87
CA ALA A 42 -1.08 -15.76 4.23
C ALA A 42 -2.57 -15.51 4.40
N TYR A 43 -3.08 -14.41 3.83
CA TYR A 43 -4.50 -14.13 3.98
C TYR A 43 -5.33 -15.14 3.18
N ALA A 44 -4.83 -15.57 2.03
CA ALA A 44 -5.51 -16.61 1.26
C ALA A 44 -5.52 -17.93 2.01
N ASN A 45 -4.42 -18.25 2.70
CA ASN A 45 -4.36 -19.47 3.49
C ASN A 45 -5.37 -19.44 4.64
N ALA A 46 -5.72 -18.25 5.13
CA ALA A 46 -6.75 -18.09 6.15
C ALA A 46 -8.16 -18.19 5.57
N GLY A 47 -8.29 -18.35 4.26
CA GLY A 47 -9.58 -18.58 3.64
C GLY A 47 -10.15 -17.42 2.85
N TYR A 48 -9.54 -16.24 2.93
CA TYR A 48 -10.09 -15.04 2.28
C TYR A 48 -9.86 -15.06 0.78
N THR A 49 -10.72 -14.33 0.06
CA THR A 49 -10.43 -13.95 -1.32
C THR A 49 -9.48 -12.76 -1.30
N VAL A 50 -8.46 -12.81 -2.15
CA VAL A 50 -7.36 -11.84 -2.11
C VAL A 50 -7.06 -11.37 -3.52
N CYS A 51 -6.89 -10.06 -3.66
CA CYS A 51 -6.50 -9.44 -4.92
C CYS A 51 -5.32 -8.52 -4.67
N GLY A 52 -4.20 -8.78 -5.35
CA GLY A 52 -3.04 -7.91 -5.34
C GLY A 52 -2.78 -7.36 -6.72
N PRO A 53 -3.29 -6.18 -7.01
CA PRO A 53 -3.12 -5.62 -8.37
C PRO A 53 -1.68 -5.19 -8.64
N ARG A 54 -1.35 -5.17 -9.93
CA ARG A 54 -0.11 -4.56 -10.39
C ARG A 54 -0.43 -3.14 -10.81
N LEU A 55 0.16 -2.16 -10.14
CA LEU A 55 -0.13 -0.77 -10.49
C LEU A 55 0.39 -0.48 -11.90
N ARG A 56 -0.37 0.32 -12.65
CA ARG A 56 0.05 0.66 -14.00
C ARG A 56 1.47 1.22 -14.00
N GLY A 57 2.26 0.77 -14.98
CA GLY A 57 3.62 1.24 -15.11
C GLY A 57 4.60 0.63 -14.15
N HIS A 58 4.16 -0.29 -13.29
CA HIS A 58 4.99 -0.96 -12.30
C HIS A 58 5.23 -2.40 -12.71
N GLY A 59 6.35 -2.95 -12.28
CA GLY A 59 6.69 -4.32 -12.63
C GLY A 59 7.09 -4.52 -14.06
N THR A 60 7.44 -3.44 -14.78
CA THR A 60 7.76 -3.51 -16.20
C THR A 60 9.09 -2.81 -16.43
N HIS A 61 9.08 -1.49 -16.56
CA HIS A 61 10.30 -0.71 -16.72
C HIS A 61 10.04 0.68 -16.18
N TYR A 62 11.06 1.29 -15.57
CA TYR A 62 10.84 2.64 -15.06
C TYR A 62 10.54 3.65 -16.16
N GLU A 63 10.93 3.38 -17.41
CA GLU A 63 10.53 4.29 -18.48
C GLU A 63 9.05 4.19 -18.80
N GLU A 64 8.41 3.05 -18.52
CA GLU A 64 6.96 3.02 -18.61
C GLU A 64 6.34 3.77 -17.44
N MET A 65 6.85 3.54 -16.22
CA MET A 65 6.32 4.25 -15.05
C MET A 65 6.32 5.76 -15.31
N GLU A 66 7.39 6.27 -15.91
CA GLU A 66 7.56 7.70 -16.13
C GLU A 66 6.37 8.34 -16.83
N THR A 67 5.67 7.57 -17.66
CA THR A 67 4.54 8.05 -18.45
C THR A 67 3.20 7.90 -17.75
N THR A 68 3.15 7.33 -16.55
CA THR A 68 1.87 7.05 -15.91
C THR A 68 1.44 8.21 -15.00
N THR A 69 0.16 8.23 -14.67
CA THR A 69 -0.44 9.26 -13.82
C THR A 69 -0.89 8.64 -12.51
N TYR A 70 -1.12 9.49 -11.50
CA TYR A 70 -1.69 8.94 -10.27
C TYR A 70 -3.09 8.41 -10.50
N GLN A 71 -3.84 8.97 -11.46
CA GLN A 71 -5.15 8.43 -11.78
C GLN A 71 -5.03 7.02 -12.35
N ASP A 72 -3.95 6.73 -13.07
CA ASP A 72 -3.69 5.36 -13.52
C ASP A 72 -3.54 4.42 -12.33
N TRP A 73 -2.79 4.85 -11.31
CA TRP A 73 -2.56 3.96 -10.17
C TRP A 73 -3.84 3.75 -9.38
N ILE A 74 -4.63 4.82 -9.20
CA ILE A 74 -5.96 4.70 -8.61
C ILE A 74 -6.79 3.70 -9.42
N HIS A 75 -6.77 3.82 -10.74
CA HIS A 75 -7.59 2.94 -11.53
C HIS A 75 -7.19 1.47 -11.33
N SER A 76 -5.89 1.18 -11.24
CA SER A 76 -5.46 -0.19 -11.01
C SER A 76 -6.06 -0.75 -9.73
N VAL A 77 -6.12 0.08 -8.69
CA VAL A 77 -6.72 -0.35 -7.43
C VAL A 77 -8.23 -0.48 -7.56
N GLU A 78 -8.88 0.47 -8.25
CA GLU A 78 -10.33 0.38 -8.48
C GLU A 78 -10.69 -0.88 -9.25
N GLU A 79 -9.85 -1.27 -10.20
CA GLU A 79 -10.11 -2.49 -10.98
C GLU A 79 -10.02 -3.72 -10.09
N GLY A 80 -9.06 -3.75 -9.17
CA GLY A 80 -8.99 -4.85 -8.23
C GLY A 80 -10.15 -4.85 -7.27
N TYR A 81 -10.59 -3.67 -6.83
CA TYR A 81 -11.78 -3.55 -6.00
C TYR A 81 -12.99 -4.13 -6.70
N GLN A 82 -13.15 -3.84 -7.99
CA GLN A 82 -14.26 -4.37 -8.77
C GLN A 82 -14.19 -5.89 -8.87
N TRP A 83 -13.00 -6.45 -9.10
CA TRP A 83 -12.85 -7.89 -9.14
C TRP A 83 -13.32 -8.51 -7.82
N LEU A 84 -12.98 -7.89 -6.69
CA LEU A 84 -13.45 -8.37 -5.40
C LEU A 84 -14.96 -8.20 -5.24
N LYS A 85 -15.50 -7.08 -5.70
CA LYS A 85 -16.95 -6.85 -5.57
C LYS A 85 -17.75 -7.88 -6.34
N GLU A 86 -17.18 -8.47 -7.39
CA GLU A 86 -17.87 -9.51 -8.14
C GLU A 86 -17.98 -10.81 -7.37
N ARG A 87 -17.23 -10.97 -6.27
CA ARG A 87 -17.13 -12.24 -5.55
C ARG A 87 -17.31 -12.12 -4.05
N CYS A 88 -17.35 -10.91 -3.50
CA CYS A 88 -17.27 -10.74 -2.05
C CYS A 88 -18.29 -9.73 -1.60
N SER A 89 -18.87 -9.96 -0.43
CA SER A 89 -19.83 -9.03 0.15
C SER A 89 -19.20 -8.11 1.19
N THR A 90 -17.97 -8.39 1.62
CA THR A 90 -17.26 -7.57 2.60
C THR A 90 -15.82 -7.45 2.14
N ILE A 91 -15.28 -6.23 2.14
CA ILE A 91 -13.95 -5.98 1.58
C ILE A 91 -13.13 -5.11 2.51
N PHE A 92 -11.88 -5.52 2.73
CA PHE A 92 -10.87 -4.78 3.46
C PHE A 92 -9.76 -4.39 2.49
N VAL A 93 -8.99 -3.34 2.83
CA VAL A 93 -7.91 -2.87 1.97
C VAL A 93 -6.65 -2.68 2.81
N THR A 94 -5.51 -3.12 2.27
CA THR A 94 -4.22 -2.97 2.92
C THR A 94 -3.19 -2.62 1.86
N GLY A 95 -2.12 -1.94 2.27
CA GLY A 95 -1.10 -1.60 1.30
C GLY A 95 0.13 -1.02 1.96
N LEU A 96 1.24 -1.09 1.22
CA LEU A 96 2.53 -0.59 1.67
C LEU A 96 2.85 0.74 1.00
N SER A 97 3.15 1.74 1.82
CA SER A 97 3.70 3.03 1.38
C SER A 97 2.69 3.74 0.48
N MET A 98 2.96 3.94 -0.82
CA MET A 98 1.92 4.54 -1.66
C MET A 98 0.72 3.59 -1.77
N GLY A 99 0.94 2.28 -1.61
CA GLY A 99 -0.18 1.36 -1.46
C GLY A 99 -1.01 1.67 -0.24
N GLY A 100 -0.38 2.18 0.83
CA GLY A 100 -1.13 2.67 1.98
C GLY A 100 -1.84 3.99 1.70
N THR A 101 -1.20 4.87 0.92
CA THR A 101 -1.89 6.08 0.46
C THR A 101 -3.15 5.72 -0.32
N LEU A 102 -3.05 4.72 -1.20
CA LEU A 102 -4.19 4.27 -2.00
C LEU A 102 -5.24 3.58 -1.13
N THR A 103 -4.80 2.86 -0.08
CA THR A 103 -5.73 2.30 0.88
C THR A 103 -6.57 3.41 1.52
N LEU A 104 -5.92 4.50 1.93
CA LEU A 104 -6.64 5.62 2.52
C LEU A 104 -7.55 6.29 1.50
N TYR A 105 -7.09 6.44 0.25
CA TYR A 105 -7.95 6.98 -0.81
C TYR A 105 -9.24 6.18 -0.91
N MET A 106 -9.13 4.85 -0.89
CA MET A 106 -10.33 4.02 -1.03
C MET A 106 -11.26 4.19 0.16
N ALA A 107 -10.72 4.21 1.38
CA ALA A 107 -11.56 4.42 2.56
C ALA A 107 -12.18 5.81 2.58
N GLU A 108 -11.54 6.80 1.98
CA GLU A 108 -12.11 8.14 1.89
C GLU A 108 -13.26 8.19 0.90
N LYS A 109 -13.23 7.31 -0.11
CA LYS A 109 -14.22 7.32 -1.17
C LYS A 109 -15.38 6.37 -0.92
N TYR A 110 -15.13 5.24 -0.26
CA TYR A 110 -16.10 4.15 -0.14
C TYR A 110 -16.43 3.85 1.32
N PRO A 111 -17.52 4.39 1.86
CA PRO A 111 -17.90 4.07 3.24
C PRO A 111 -18.15 2.59 3.47
N GLU A 112 -18.40 1.81 2.42
CA GLU A 112 -18.69 0.39 2.61
C GLU A 112 -17.46 -0.44 2.97
N ILE A 113 -16.25 0.05 2.67
CA ILE A 113 -15.05 -0.70 3.03
C ILE A 113 -15.05 -0.97 4.53
N LYS A 114 -14.76 -2.22 4.90
CA LYS A 114 -14.98 -2.70 6.25
C LYS A 114 -13.85 -2.36 7.21
N GLY A 115 -12.66 -2.09 6.69
CA GLY A 115 -11.51 -1.76 7.51
C GLY A 115 -10.29 -1.62 6.62
N ILE A 116 -9.28 -0.94 7.15
CA ILE A 116 -8.06 -0.68 6.41
C ILE A 116 -6.83 -0.98 7.26
N ILE A 117 -5.78 -1.41 6.57
CA ILE A 117 -4.49 -1.72 7.18
C ILE A 117 -3.37 -1.05 6.37
N PRO A 118 -3.16 0.25 6.52
CA PRO A 118 -2.04 0.90 5.85
C PRO A 118 -0.73 0.60 6.57
N ILE A 119 0.34 0.40 5.79
CA ILE A 119 1.67 0.06 6.30
C ILE A 119 2.66 1.10 5.77
N ASN A 120 3.26 1.86 6.68
CA ASN A 120 4.19 2.94 6.27
C ASN A 120 3.59 3.83 5.18
N ALA A 121 2.30 4.16 5.34
CA ALA A 121 1.61 4.94 4.33
C ALA A 121 2.20 6.33 4.20
N ALA A 122 2.15 6.87 2.98
CA ALA A 122 2.77 8.14 2.64
C ALA A 122 1.71 9.22 2.49
N ILE A 123 1.83 10.29 3.26
CA ILE A 123 0.96 11.46 3.09
C ILE A 123 1.71 12.76 2.92
N GLU A 124 2.99 12.86 3.31
CA GLU A 124 3.71 14.13 3.18
C GLU A 124 5.20 13.83 3.24
N ILE A 125 5.91 14.07 2.14
CA ILE A 125 7.35 13.83 2.06
C ILE A 125 7.97 15.08 1.45
N SER A 126 8.52 15.96 2.29
CA SER A 126 8.97 17.26 1.81
C SER A 126 10.04 17.13 0.72
N TYR A 127 10.93 16.15 0.84
CA TYR A 127 11.95 16.00 -0.20
C TYR A 127 11.33 15.70 -1.55
N MET A 128 10.30 14.85 -1.58
CA MET A 128 9.67 14.51 -2.86
C MET A 128 8.96 15.71 -3.46
N GLU A 129 8.33 16.54 -2.62
CA GLU A 129 7.74 17.78 -3.11
C GLU A 129 8.78 18.61 -3.87
N ALA A 130 10.00 18.70 -3.34
CA ALA A 130 11.03 19.48 -4.01
C ALA A 130 11.55 18.77 -5.25
N ALA A 131 11.77 17.46 -5.15
CA ALA A 131 12.27 16.71 -6.29
C ALA A 131 11.30 16.76 -7.45
N ALA A 132 9.99 16.83 -7.17
CA ALA A 132 8.98 16.88 -8.21
C ALA A 132 9.17 18.09 -9.12
N SER A 133 9.80 19.15 -8.62
CA SER A 133 9.95 20.40 -9.34
C SER A 133 11.24 20.47 -10.17
N LEU A 134 12.08 19.45 -10.12
CA LEU A 134 13.29 19.45 -10.94
C LEU A 134 12.90 19.44 -12.42
N GLU A 135 13.47 20.38 -13.17
CA GLU A 135 13.10 20.55 -14.57
C GLU A 135 14.02 19.84 -15.54
N ASP A 136 15.26 19.55 -15.14
CA ASP A 136 16.26 19.05 -16.07
C ASP A 136 16.87 17.72 -15.61
N VAL A 137 16.24 17.06 -14.65
CA VAL A 137 16.66 15.75 -14.17
C VAL A 137 15.52 14.77 -14.47
N ARG A 138 15.84 13.71 -15.21
CA ARG A 138 14.84 12.73 -15.57
C ARG A 138 14.64 11.66 -14.49
N PHE A 139 15.72 11.20 -13.88
CA PHE A 139 15.67 10.10 -12.92
C PHE A 139 16.51 10.42 -11.70
N LEU A 140 16.01 10.04 -10.54
CA LEU A 140 16.77 10.02 -9.30
C LEU A 140 17.06 8.58 -8.91
N ASP A 141 17.82 8.39 -7.84
CA ASP A 141 18.16 7.05 -7.40
C ASP A 141 16.91 6.27 -6.99
N ALA A 142 17.06 4.94 -7.03
CA ALA A 142 16.05 4.04 -6.52
C ALA A 142 15.69 4.40 -5.08
N ILE A 143 14.42 4.21 -4.72
CA ILE A 143 14.01 4.27 -3.32
C ILE A 143 13.82 2.90 -2.71
N GLY A 144 13.87 1.82 -3.51
CA GLY A 144 13.53 0.50 -3.03
C GLY A 144 14.59 -0.16 -2.14
N SER A 145 14.18 -1.28 -1.55
CA SER A 145 15.08 -2.14 -0.79
C SER A 145 15.57 -1.54 0.52
N ASP A 146 14.80 -0.62 1.12
CA ASP A 146 15.10 -0.18 2.48
C ASP A 146 14.58 -1.27 3.42
N ILE A 147 15.46 -2.22 3.71
CA ILE A 147 15.13 -3.44 4.44
C ILE A 147 16.25 -3.69 5.43
N LYS A 148 15.89 -3.96 6.69
CA LYS A 148 16.91 -4.18 7.73
C LYS A 148 17.60 -5.53 7.56
N ASN A 149 16.84 -6.58 7.33
CA ASN A 149 17.43 -7.91 7.18
C ASN A 149 18.32 -7.92 5.95
N PRO A 150 19.63 -8.13 6.09
CA PRO A 150 20.54 -7.99 4.95
C PRO A 150 20.40 -9.07 3.89
N ASP A 151 19.68 -10.15 4.16
CA ASP A 151 19.56 -11.26 3.24
C ASP A 151 18.28 -11.20 2.41
N ILE A 152 17.52 -10.10 2.52
CA ILE A 152 16.23 -9.97 1.85
C ILE A 152 16.33 -8.85 0.82
N LYS A 153 15.83 -9.11 -0.38
CA LYS A 153 15.84 -8.14 -1.47
C LYS A 153 14.41 -7.87 -1.96
N GLU A 154 14.19 -6.64 -2.41
CA GLU A 154 12.92 -6.21 -2.99
C GLU A 154 13.03 -6.08 -4.50
N LEU A 155 11.99 -6.52 -5.20
CA LEU A 155 11.86 -6.29 -6.63
C LEU A 155 11.23 -4.93 -6.85
N ALA A 156 12.05 -3.95 -7.20
CA ALA A 156 11.62 -2.56 -7.39
C ALA A 156 12.58 -1.91 -8.39
N TYR A 157 12.15 -0.81 -8.98
CA TYR A 157 12.96 -0.22 -10.04
C TYR A 157 14.28 0.34 -9.51
N GLU A 158 15.28 0.37 -10.38
CA GLU A 158 16.61 0.87 -10.06
C GLU A 158 16.73 2.38 -10.17
N LYS A 159 15.73 3.06 -10.73
CA LYS A 159 15.69 4.52 -10.81
C LYS A 159 14.27 4.96 -10.53
N THR A 160 14.14 6.20 -10.05
CA THR A 160 12.85 6.81 -9.75
C THR A 160 12.59 7.94 -10.73
N PRO A 161 11.54 7.89 -11.55
CA PRO A 161 11.30 8.99 -12.52
C PRO A 161 10.82 10.25 -11.83
N VAL A 162 11.46 11.38 -12.17
CA VAL A 162 11.06 12.66 -11.60
C VAL A 162 9.61 13.00 -11.95
N LYS A 163 9.19 12.69 -13.18
CA LYS A 163 7.81 12.96 -13.57
C LYS A 163 6.83 12.23 -12.64
N SER A 164 7.19 11.00 -12.26
CA SER A 164 6.32 10.21 -11.39
C SER A 164 6.29 10.76 -9.97
N ILE A 165 7.39 11.38 -9.53
CA ILE A 165 7.39 12.00 -8.22
C ILE A 165 6.33 13.09 -8.13
N GLY A 166 6.14 13.84 -9.22
CA GLY A 166 5.06 14.82 -9.22
C GLY A 166 3.70 14.18 -9.05
N GLU A 167 3.50 13.01 -9.65
CA GLU A 167 2.23 12.30 -9.52
C GLU A 167 1.97 11.84 -8.09
N ILE A 168 2.96 11.21 -7.45
CA ILE A 168 2.73 10.77 -6.07
C ILE A 168 2.52 11.97 -5.15
N THR A 169 3.23 13.07 -5.40
CA THR A 169 3.04 14.26 -4.57
C THR A 169 1.60 14.76 -4.66
N GLU A 170 1.03 14.78 -5.87
CA GLU A 170 -0.36 15.20 -6.03
C GLU A 170 -1.31 14.24 -5.32
N LEU A 171 -1.08 12.93 -5.46
CA LEU A 171 -1.93 11.95 -4.79
C LEU A 171 -1.89 12.13 -3.28
N MET A 172 -0.69 12.29 -2.73
CA MET A 172 -0.55 12.43 -1.28
C MET A 172 -1.30 13.67 -0.79
N LYS A 173 -1.18 14.78 -1.51
CA LYS A 173 -1.87 16.00 -1.09
C LYS A 173 -3.37 15.78 -1.05
N LYS A 174 -3.91 15.10 -2.07
CA LYS A 174 -5.35 14.83 -2.10
C LYS A 174 -5.77 13.93 -0.94
N VAL A 175 -5.05 12.84 -0.73
CA VAL A 175 -5.41 11.88 0.32
C VAL A 175 -5.25 12.51 1.70
N LYS A 176 -4.17 13.27 1.90
CA LYS A 176 -3.98 13.93 3.19
C LYS A 176 -5.14 14.86 3.50
N GLY A 177 -5.58 15.65 2.51
CA GLY A 177 -6.65 16.61 2.75
C GLY A 177 -7.97 15.97 3.09
N ASP A 178 -8.17 14.71 2.73
CA ASP A 178 -9.43 14.02 2.92
C ASP A 178 -9.42 13.04 4.09
N LEU A 179 -8.40 13.09 4.95
CA LEU A 179 -8.28 12.06 5.98
C LEU A 179 -9.48 12.02 6.93
N GLU A 180 -10.14 13.15 7.16
CA GLU A 180 -11.30 13.13 8.04
C GLU A 180 -12.48 12.35 7.47
N LYS A 181 -12.44 11.98 6.18
CA LYS A 181 -13.48 11.13 5.61
C LYS A 181 -13.33 9.67 5.98
N VAL A 182 -12.21 9.27 6.57
CA VAL A 182 -12.00 7.88 6.95
C VAL A 182 -12.73 7.60 8.26
N ASN A 183 -13.66 6.64 8.24
CA ASN A 183 -14.41 6.27 9.41
C ASN A 183 -14.32 4.79 9.77
N CYS A 184 -13.84 3.93 8.88
CA CYS A 184 -13.83 2.50 9.13
C CYS A 184 -12.69 2.13 10.09
N PRO A 185 -12.82 0.98 10.75
CA PRO A 185 -11.73 0.53 11.63
C PRO A 185 -10.39 0.53 10.91
N ALA A 186 -9.35 0.93 11.62
CA ALA A 186 -8.03 1.11 11.04
C ALA A 186 -6.97 0.46 11.91
N LEU A 187 -6.10 -0.32 11.29
CA LEU A 187 -4.90 -0.86 11.92
C LEU A 187 -3.72 -0.30 11.14
N ILE A 188 -2.99 0.61 11.76
CA ILE A 188 -1.94 1.37 11.08
C ILE A 188 -0.59 0.83 11.54
N PHE A 189 0.19 0.28 10.61
CA PHE A 189 1.54 -0.17 10.91
C PHE A 189 2.56 0.87 10.47
N VAL A 190 3.61 1.06 11.28
CA VAL A 190 4.69 1.97 10.92
C VAL A 190 5.99 1.42 11.47
N SER A 191 7.05 1.51 10.67
CA SER A 191 8.36 1.11 11.14
C SER A 191 8.94 2.20 12.04
N LYS A 192 9.74 1.80 13.02
CA LYS A 192 10.46 2.80 13.80
C LYS A 192 11.52 3.51 12.96
N GLU A 193 12.24 2.77 12.12
CA GLU A 193 13.36 3.32 11.36
C GLU A 193 13.09 3.25 9.86
N ASP A 194 12.12 4.02 9.39
CA ASP A 194 11.78 4.07 7.97
C ASP A 194 12.60 5.16 7.29
N HIS A 195 13.44 4.78 6.33
CA HIS A 195 14.32 5.74 5.67
C HIS A 195 13.74 6.30 4.38
N VAL A 196 12.49 6.01 4.09
CA VAL A 196 11.83 6.42 2.86
C VAL A 196 10.64 7.34 3.13
N VAL A 197 9.73 6.90 4.00
CA VAL A 197 8.54 7.64 4.37
C VAL A 197 8.67 7.98 5.85
N PRO A 198 8.56 9.26 6.24
CA PRO A 198 8.70 9.61 7.65
C PRO A 198 7.66 8.90 8.49
N PRO A 199 8.06 8.22 9.57
CA PRO A 199 7.08 7.59 10.46
C PRO A 199 6.03 8.56 10.98
N SER A 200 6.36 9.85 11.08
CA SER A 200 5.37 10.83 11.50
C SER A 200 4.18 10.87 10.56
N ASN A 201 4.33 10.41 9.31
CA ASN A 201 3.18 10.32 8.42
C ASN A 201 2.09 9.43 9.02
N SER A 202 2.46 8.23 9.47
CA SER A 202 1.47 7.31 10.04
C SER A 202 0.90 7.85 11.34
N GLN A 203 1.72 8.57 12.13
CA GLN A 203 1.22 9.16 13.36
C GLN A 203 0.19 10.24 13.06
N GLU A 204 0.43 11.03 12.02
CA GLU A 204 -0.54 12.04 11.61
C GLU A 204 -1.81 11.41 11.05
N ILE A 205 -1.69 10.31 10.30
CA ILE A 205 -2.87 9.58 9.86
C ILE A 205 -3.72 9.17 11.06
N TYR A 206 -3.06 8.56 12.06
CA TYR A 206 -3.77 8.11 13.26
C TYR A 206 -4.56 9.24 13.90
N SER A 207 -3.97 10.43 14.02
CA SER A 207 -4.61 11.54 14.70
C SER A 207 -5.51 12.39 13.79
N SER A 208 -5.60 12.07 12.51
CA SER A 208 -6.45 12.83 11.58
C SER A 208 -7.69 12.08 11.13
N ILE A 209 -7.64 10.74 11.06
CA ILE A 209 -8.83 10.00 10.66
C ILE A 209 -9.90 10.09 11.76
N LYS A 210 -11.14 9.86 11.36
CA LYS A 210 -12.28 9.96 12.28
C LYS A 210 -12.75 8.62 12.81
N SER A 211 -12.08 7.53 12.43
CA SER A 211 -12.49 6.20 12.85
C SER A 211 -12.60 6.11 14.37
N ALA A 212 -13.70 5.51 14.82
CA ALA A 212 -13.88 5.26 16.25
C ALA A 212 -12.95 4.15 16.73
N ALA A 213 -12.58 3.22 15.85
CA ALA A 213 -11.69 2.11 16.18
C ALA A 213 -10.39 2.31 15.39
N LYS A 214 -9.32 2.65 16.09
CA LYS A 214 -8.04 2.85 15.43
C LYS A 214 -6.92 2.43 16.35
N GLU A 215 -5.86 1.89 15.76
CA GLU A 215 -4.69 1.43 16.51
C GLU A 215 -3.47 1.68 15.64
N LEU A 216 -2.36 2.04 16.25
CA LEU A 216 -1.09 2.17 15.57
C LEU A 216 -0.11 1.18 16.19
N VAL A 217 0.53 0.38 15.34
CA VAL A 217 1.51 -0.63 15.75
C VAL A 217 2.85 -0.22 15.18
N THR A 218 3.84 -0.06 16.05
CA THR A 218 5.20 0.31 15.63
C THR A 218 6.04 -0.95 15.53
N LEU A 219 6.75 -1.09 14.40
CA LEU A 219 7.56 -2.25 14.11
C LEU A 219 9.01 -1.89 14.39
N ASP A 220 9.60 -2.52 15.39
CA ASP A 220 10.89 -2.10 15.94
C ASP A 220 12.08 -2.70 15.22
N ASN A 221 11.88 -3.70 14.37
CA ASN A 221 12.97 -4.44 13.75
C ASN A 221 12.93 -4.39 12.24
N SER A 222 12.27 -3.38 11.66
CA SER A 222 12.09 -3.29 10.23
C SER A 222 12.38 -1.87 9.75
N TYR A 223 12.81 -1.76 8.51
CA TYR A 223 12.87 -0.47 7.84
C TYR A 223 11.62 -0.31 6.95
N HIS A 224 11.72 0.42 5.84
CA HIS A 224 10.51 0.78 5.10
C HIS A 224 9.74 -0.43 4.57
N VAL A 225 10.43 -1.39 3.95
CA VAL A 225 9.73 -2.49 3.27
C VAL A 225 9.37 -3.56 4.28
N ALA A 226 8.48 -3.21 5.20
CA ALA A 226 8.26 -4.03 6.39
C ALA A 226 7.60 -5.36 6.04
N THR A 227 6.87 -5.40 4.93
CA THR A 227 6.19 -6.60 4.47
C THR A 227 7.16 -7.73 4.09
N LEU A 228 8.43 -7.41 3.82
CA LEU A 228 9.45 -8.41 3.54
C LEU A 228 10.46 -8.52 4.67
N ASP A 229 10.39 -7.64 5.65
CA ASP A 229 11.45 -7.46 6.64
C ASP A 229 11.18 -8.31 7.88
N ASN A 230 11.99 -8.09 8.91
CA ASN A 230 11.97 -8.95 10.10
C ASN A 230 10.61 -9.03 10.78
N ASP A 231 9.80 -7.98 10.69
CA ASP A 231 8.51 -7.95 11.39
C ASP A 231 7.35 -8.40 10.53
N GLN A 232 7.61 -9.05 9.39
CA GLN A 232 6.53 -9.53 8.52
C GLN A 232 5.51 -10.34 9.31
N ASP A 233 5.98 -11.19 10.23
CA ASP A 233 5.07 -12.05 10.99
C ASP A 233 4.13 -11.24 11.87
N ILE A 234 4.60 -10.11 12.42
CA ILE A 234 3.72 -9.24 13.19
C ILE A 234 2.64 -8.65 12.30
N ILE A 235 3.01 -8.17 11.11
CA ILE A 235 2.00 -7.62 10.21
C ILE A 235 0.94 -8.66 9.88
N ILE A 236 1.38 -9.85 9.51
CA ILE A 236 0.43 -10.89 9.09
C ILE A 236 -0.47 -11.29 10.25
N GLU A 237 0.11 -11.61 11.39
CA GLU A 237 -0.71 -12.13 12.50
C GLU A 237 -1.62 -11.06 13.08
N ARG A 238 -1.13 -9.84 13.26
CA ARG A 238 -2.01 -8.80 13.79
C ARG A 238 -3.06 -8.39 12.78
N THR A 239 -2.75 -8.41 11.48
CA THR A 239 -3.79 -8.18 10.48
C THR A 239 -4.88 -9.24 10.58
N LEU A 240 -4.49 -10.51 10.66
CA LEU A 240 -5.49 -11.58 10.75
C LEU A 240 -6.36 -11.42 12.00
N HIS A 241 -5.76 -11.03 13.13
CA HIS A 241 -6.55 -10.79 14.34
C HIS A 241 -7.52 -9.65 14.15
N PHE A 242 -7.06 -8.57 13.49
CA PHE A 242 -7.92 -7.41 13.22
C PHE A 242 -9.09 -7.78 12.33
N LEU A 243 -8.83 -8.52 11.26
CA LEU A 243 -9.91 -8.94 10.38
C LEU A 243 -10.93 -9.75 11.15
N GLN A 244 -10.45 -10.72 11.95
CA GLN A 244 -11.37 -11.55 12.74
C GLN A 244 -12.21 -10.70 13.68
N ARG A 245 -11.58 -9.74 14.38
CA ARG A 245 -12.32 -8.93 15.33
C ARG A 245 -13.38 -8.08 14.64
N VAL A 246 -13.05 -7.49 13.49
CA VAL A 246 -14.05 -6.69 12.78
C VAL A 246 -15.17 -7.58 12.28
N LEU A 247 -14.84 -8.74 11.72
CA LEU A 247 -15.86 -9.63 11.19
C LEU A 247 -16.77 -10.18 12.27
N GLU A 248 -16.25 -10.40 13.48
CA GLU A 248 -17.02 -10.93 14.60
C GLU A 248 -17.83 -9.86 15.32
N THR A 249 -17.64 -8.59 14.99
CA THR A 249 -18.35 -7.52 15.69
C THR A 249 -19.86 -7.70 15.52
N SER A 250 -20.58 -7.60 16.62
CA SER A 250 -22.03 -7.69 16.64
C SER A 250 -22.59 -6.56 17.50
N SER A 251 -23.88 -6.61 17.82
CA SER A 251 -24.44 -5.65 18.75
C SER A 251 -23.95 -5.85 20.17
N LEU A 252 -23.42 -7.04 20.47
CA LEU A 252 -22.99 -7.37 21.82
C LEU A 252 -21.51 -7.07 22.02
#